data_6VV2
#
_entry.id   6VV2
#
_cell.length_a   175.596
_cell.length_b   175.596
_cell.length_c   123.975
_cell.angle_alpha   90.000
_cell.angle_beta   90.000
_cell.angle_gamma   120.000
#
_symmetry.space_group_name_H-M   'H 3 2'
#
loop_
_entity.id
_entity.type
_entity.pdbx_description
1 polymer 'N-acetyltransferase Eis'
2 non-polymer 2-{[3-(piperidin-1-yl)propyl]sulfanyl}-6,7,8,9-tetrahydro-5H-cyclohepta[4,5]thieno[2,3-d]pyrimidin-4-amine
3 non-polymer DI(HYDROXYETHYL)ETHER
4 non-polymer GLYCEROL
5 non-polymer 'SULFATE ION'
6 non-polymer 'DIMETHYL SULFOXIDE'
7 non-polymer 'SODIUM ION'
8 non-polymer 'CHLORIDE ION'
9 water water
#
_entity_poly.entity_id   1
_entity_poly.type   'polypeptide(L)'
_entity_poly.pdbx_seq_one_letter_code
;MGSSHHHHHHSSGLVPRGSHMTVTLCSPTEDDWPGMFLLAAASFTDFIGPESATAWRTLVPTDGAVVVRDGAGPGSEVVG
MALYMDLRLTVPGEVVLPTAGLSFVAVAPTHRRRGLLRAMCAELHRRIADSGYPVAALHASEGGIYGRFGYGPATTLHEL
TVDRRFARFHADAPGGGLGGSSVRLVRPTEHRGEFEAIYERWRQQVPGGLLRPQVLWDELLAEAKAAPGGDRESFALLHP
DGYALYRVDRTDLKLARVSELRAVTADAHCALWRALIGLDSMERISIITHPQDPLPHLLTDTRLARTTWRQDGLWLRIMN
VPAALEARGYAHEVGEFSTVLEVSDGGRFALKIGDGRARCTPTDAAAEIEMDRDVLGSLYLGAHRASTLAAANRLRTKDS
QLLRRLDAAFASDVPVQTAFEF
;
_entity_poly.pdbx_strand_id   A
#
# COMPACT_ATOMS: atom_id res chain seq x y z
N VAL A 23 -13.46 8.26 31.21
CA VAL A 23 -12.76 7.89 29.93
C VAL A 23 -12.85 6.35 29.77
N THR A 24 -13.88 5.86 29.06
CA THR A 24 -14.17 4.41 28.83
C THR A 24 -14.05 4.03 27.35
N LEU A 25 -13.44 2.86 27.08
CA LEU A 25 -13.15 2.35 25.71
C LEU A 25 -14.16 1.25 25.37
N CYS A 26 -14.99 1.45 24.33
CA CYS A 26 -16.12 0.57 23.94
C CYS A 26 -16.23 0.45 22.41
N SER A 27 -16.92 -0.58 21.93
CA SER A 27 -17.42 -0.68 20.53
C SER A 27 -18.52 0.36 20.35
N PRO A 28 -18.49 1.18 19.28
CA PRO A 28 -19.54 2.19 19.09
C PRO A 28 -20.90 1.54 18.72
N THR A 29 -21.97 2.10 19.28
CA THR A 29 -23.39 1.86 18.87
C THR A 29 -23.71 2.84 17.74
N GLU A 30 -24.89 2.76 17.14
CA GLU A 30 -25.29 3.62 15.98
C GLU A 30 -25.47 5.07 16.45
N ASP A 31 -25.65 5.30 17.75
CA ASP A 31 -25.74 6.65 18.38
C ASP A 31 -24.38 7.35 18.38
N ASP A 32 -23.28 6.59 18.37
CA ASP A 32 -21.90 7.13 18.51
C ASP A 32 -21.39 7.71 17.19
N TRP A 33 -21.96 7.29 16.07
CA TRP A 33 -21.38 7.58 14.73
C TRP A 33 -21.44 9.07 14.38
N PRO A 34 -22.56 9.78 14.64
CA PRO A 34 -22.61 11.21 14.37
C PRO A 34 -21.41 11.92 15.02
N GLY A 35 -21.07 11.49 16.24
CA GLY A 35 -19.98 12.08 17.04
C GLY A 35 -18.61 11.67 16.53
N MET A 36 -18.54 10.54 15.84
CA MET A 36 -17.30 10.02 15.21
C MET A 36 -17.02 10.83 13.95
N PHE A 37 -18.06 11.10 13.17
CA PHE A 37 -17.95 11.91 11.93
C PHE A 37 -17.47 13.32 12.28
N LEU A 38 -17.91 13.87 13.41
CA LEU A 38 -17.48 15.22 13.83
C LEU A 38 -15.98 15.17 14.17
N LEU A 39 -15.54 14.12 14.85
CA LEU A 39 -14.09 13.99 15.15
C LEU A 39 -13.31 13.83 13.84
N ALA A 40 -13.88 13.09 12.88
CA ALA A 40 -13.29 12.81 11.55
C ALA A 40 -13.15 14.12 10.78
N ALA A 41 -14.23 14.90 10.75
CA ALA A 41 -14.26 16.21 10.08
C ALA A 41 -13.18 17.12 10.67
N ALA A 42 -13.03 17.11 11.99
CA ALA A 42 -12.09 18.00 12.69
C ALA A 42 -10.67 17.43 12.63
N SER A 43 -10.50 16.15 12.28
CA SER A 43 -9.19 15.46 12.33
C SER A 43 -8.60 15.20 10.94
N PHE A 44 -9.44 14.91 9.94
CA PHE A 44 -9.01 14.65 8.53
C PHE A 44 -9.60 15.73 7.63
N THR A 45 -8.74 16.39 6.85
CA THR A 45 -9.13 17.48 5.91
C THR A 45 -9.92 16.89 4.75
N ASP A 46 -9.44 15.76 4.22
CA ASP A 46 -9.98 15.08 3.01
C ASP A 46 -11.35 14.47 3.30
N PHE A 47 -11.96 14.73 4.46
CA PHE A 47 -13.24 14.10 4.84
C PHE A 47 -14.26 14.42 3.74
N ILE A 48 -14.80 13.38 3.10
CA ILE A 48 -15.76 13.46 1.96
C ILE A 48 -17.19 13.45 2.52
N GLY A 49 -17.34 13.35 3.85
CA GLY A 49 -18.64 13.43 4.51
C GLY A 49 -19.36 12.07 4.57
N PRO A 50 -20.44 11.95 5.38
CA PRO A 50 -21.12 10.68 5.61
C PRO A 50 -21.72 9.93 4.41
N GLU A 51 -21.83 10.59 3.25
CA GLU A 51 -22.40 9.97 2.00
C GLU A 51 -21.48 8.85 1.48
N SER A 52 -20.16 9.08 1.51
CA SER A 52 -19.13 8.09 1.08
C SER A 52 -18.59 7.32 2.30
N ALA A 53 -18.98 7.73 3.50
CA ALA A 53 -18.65 7.03 4.78
C ALA A 53 -19.48 5.75 4.85
N THR A 54 -20.63 5.74 4.17
CA THR A 54 -21.56 4.59 4.03
C THR A 54 -20.91 3.43 3.26
N ALA A 55 -20.03 3.73 2.32
CA ALA A 55 -19.39 2.73 1.43
C ALA A 55 -18.15 2.14 2.09
N TRP A 56 -17.45 2.92 2.92
CA TRP A 56 -16.22 2.44 3.61
C TRP A 56 -16.63 1.64 4.85
N ARG A 57 -17.79 1.99 5.42
CA ARG A 57 -18.37 1.37 6.64
C ARG A 57 -18.70 -0.11 6.43
N THR A 58 -18.96 -0.51 5.19
CA THR A 58 -19.34 -1.91 4.84
C THR A 58 -18.11 -2.81 5.02
N LEU A 59 -16.90 -2.25 4.95
CA LEU A 59 -15.61 -3.00 5.06
C LEU A 59 -15.18 -3.15 6.51
N VAL A 60 -15.94 -2.58 7.45
CA VAL A 60 -15.65 -2.71 8.91
C VAL A 60 -16.50 -3.85 9.45
N PRO A 61 -15.88 -4.91 10.02
CA PRO A 61 -16.67 -5.98 10.62
C PRO A 61 -17.29 -5.55 11.94
N THR A 62 -18.35 -6.23 12.39
CA THR A 62 -18.86 -6.17 13.78
C THR A 62 -17.67 -6.21 14.74
N ASP A 63 -17.58 -5.27 15.69
CA ASP A 63 -16.46 -5.22 16.67
C ASP A 63 -15.14 -4.89 15.96
N GLY A 64 -15.22 -4.25 14.80
CA GLY A 64 -14.03 -3.70 14.10
C GLY A 64 -13.66 -2.30 14.59
N ALA A 65 -14.48 -1.67 15.41
CA ALA A 65 -14.34 -0.25 15.80
C ALA A 65 -14.30 -0.12 17.33
N VAL A 66 -13.48 0.81 17.82
CA VAL A 66 -13.46 1.27 19.24
C VAL A 66 -13.62 2.79 19.27
N VAL A 67 -14.35 3.29 20.27
CA VAL A 67 -14.50 4.74 20.59
C VAL A 67 -14.14 4.94 22.05
N VAL A 68 -13.56 6.08 22.37
CA VAL A 68 -13.31 6.56 23.76
C VAL A 68 -14.30 7.71 24.00
N ARG A 69 -15.15 7.58 25.01
CA ARG A 69 -16.08 8.67 25.42
C ARG A 69 -15.53 9.34 26.67
N ASP A 70 -15.72 10.66 26.80
CA ASP A 70 -15.35 11.41 28.02
C ASP A 70 -16.60 11.47 28.90
N GLY A 71 -16.73 10.50 29.81
CA GLY A 71 -17.90 10.32 30.68
C GLY A 71 -18.45 8.90 30.58
N SER A 76 -22.34 11.63 26.68
CA SER A 76 -21.02 12.32 26.57
C SER A 76 -20.41 12.08 25.19
N GLU A 77 -19.46 12.93 24.79
CA GLU A 77 -18.97 13.04 23.40
C GLU A 77 -17.86 12.01 23.16
N VAL A 78 -17.53 11.82 21.88
CA VAL A 78 -16.43 10.93 21.37
C VAL A 78 -15.15 11.76 21.32
N VAL A 79 -14.10 11.33 22.04
CA VAL A 79 -12.79 12.05 22.12
C VAL A 79 -11.68 11.18 21.52
N GLY A 80 -12.03 9.99 21.03
CA GLY A 80 -11.09 9.05 20.41
C GLY A 80 -11.81 7.98 19.63
N MET A 81 -11.26 7.57 18.51
CA MET A 81 -11.81 6.44 17.74
C MET A 81 -10.68 5.76 16.98
N ALA A 82 -10.91 4.51 16.61
CA ALA A 82 -10.07 3.72 15.69
C ALA A 82 -10.89 2.54 15.19
N LEU A 83 -10.63 2.06 13.99
CA LEU A 83 -11.29 0.83 13.47
C LEU A 83 -10.31 0.09 12.55
N TYR A 84 -10.71 -1.08 12.11
CA TYR A 84 -10.00 -1.83 11.05
C TYR A 84 -11.04 -2.33 10.05
N MET A 85 -10.60 -2.50 8.80
CA MET A 85 -11.44 -3.00 7.70
C MET A 85 -10.89 -4.35 7.27
N ASP A 86 -11.76 -5.22 6.77
CA ASP A 86 -11.38 -6.55 6.23
C ASP A 86 -10.81 -6.32 4.81
N LEU A 87 -9.51 -6.56 4.65
CA LEU A 87 -8.80 -6.41 3.35
C LEU A 87 -8.15 -7.74 2.95
N ARG A 88 -7.81 -7.86 1.67
CA ARG A 88 -7.05 -9.01 1.11
C ARG A 88 -5.78 -8.47 0.47
N LEU A 89 -4.63 -8.73 1.08
CA LEU A 89 -3.32 -8.20 0.65
C LEU A 89 -2.52 -9.31 -0.03
N THR A 90 -2.07 -9.06 -1.25
CA THR A 90 -1.19 -9.96 -2.03
C THR A 90 0.24 -9.76 -1.53
N VAL A 91 0.95 -10.87 -1.26
CA VAL A 91 2.35 -10.87 -0.77
C VAL A 91 3.20 -11.70 -1.73
N PRO A 92 4.55 -11.63 -1.65
CA PRO A 92 5.40 -12.38 -2.59
C PRO A 92 5.02 -13.87 -2.68
N GLY A 93 5.03 -14.40 -3.89
CA GLY A 93 4.54 -15.76 -4.20
C GLY A 93 3.07 -15.72 -4.60
N GLU A 94 2.55 -14.54 -4.96
CA GLU A 94 1.13 -14.36 -5.37
C GLU A 94 0.22 -15.02 -4.32
N VAL A 95 0.59 -14.88 -3.05
CA VAL A 95 -0.21 -15.40 -1.90
C VAL A 95 -1.05 -14.25 -1.37
N VAL A 96 -2.34 -14.49 -1.11
CA VAL A 96 -3.33 -13.47 -0.65
C VAL A 96 -3.71 -13.69 0.82
N LEU A 97 -3.30 -12.76 1.70
CA LEU A 97 -3.51 -12.82 3.18
C LEU A 97 -4.76 -12.02 3.56
N PRO A 98 -5.60 -12.54 4.48
CA PRO A 98 -6.57 -11.72 5.18
C PRO A 98 -5.80 -10.67 5.99
N THR A 99 -6.17 -9.41 5.87
CA THR A 99 -5.40 -8.26 6.41
C THR A 99 -6.38 -7.31 7.12
N ALA A 100 -6.08 -6.99 8.38
CA ALA A 100 -6.79 -5.96 9.14
C ALA A 100 -6.22 -4.60 8.74
N GLY A 101 -7.04 -3.79 8.06
CA GLY A 101 -6.67 -2.44 7.59
C GLY A 101 -7.08 -1.39 8.60
N LEU A 102 -6.11 -0.86 9.37
CA LEU A 102 -6.37 0.19 10.39
C LEU A 102 -6.57 1.52 9.68
N SER A 103 -7.60 2.26 10.13
CA SER A 103 -8.07 3.52 9.51
C SER A 103 -8.91 4.31 10.50
N PHE A 104 -9.27 5.56 10.15
CA PHE A 104 -10.22 6.42 10.89
C PHE A 104 -9.74 6.59 12.34
N VAL A 105 -8.43 6.58 12.52
CA VAL A 105 -7.76 6.69 13.85
C VAL A 105 -7.61 8.16 14.20
N ALA A 106 -8.25 8.63 15.27
CA ALA A 106 -8.27 10.05 15.66
C ALA A 106 -8.42 10.18 17.17
N VAL A 107 -7.67 11.11 17.75
CA VAL A 107 -7.84 11.58 19.16
C VAL A 107 -8.16 13.09 19.11
N ALA A 108 -9.15 13.52 19.90
CA ALA A 108 -9.63 14.92 19.94
C ALA A 108 -8.51 15.86 20.39
N PRO A 109 -8.39 17.09 19.81
CA PRO A 109 -7.30 18.00 20.15
C PRO A 109 -7.37 18.36 21.64
N THR A 110 -8.54 18.21 22.25
CA THR A 110 -8.80 18.45 23.70
C THR A 110 -8.25 17.34 24.61
N HIS A 111 -7.71 16.23 24.07
CA HIS A 111 -7.40 14.99 24.85
C HIS A 111 -6.02 14.40 24.50
N ARG A 112 -5.13 15.20 23.90
CA ARG A 112 -3.76 14.76 23.52
C ARG A 112 -3.02 14.25 24.76
N ARG A 113 -1.92 13.50 24.55
CA ARG A 113 -0.94 13.09 25.59
C ARG A 113 -1.65 12.45 26.79
N ARG A 114 -2.73 11.72 26.54
CA ARG A 114 -3.55 11.05 27.59
C ARG A 114 -3.51 9.53 27.40
N GLY A 115 -2.66 9.03 26.49
CA GLY A 115 -2.49 7.60 26.16
C GLY A 115 -3.78 6.98 25.66
N LEU A 116 -4.56 7.72 24.87
CA LEU A 116 -5.78 7.21 24.17
C LEU A 116 -5.38 6.38 22.95
N LEU A 117 -4.46 6.87 22.10
CA LEU A 117 -3.99 6.12 20.89
C LEU A 117 -3.49 4.76 21.38
N ARG A 118 -2.67 4.75 22.44
CA ARG A 118 -1.99 3.53 22.93
C ARG A 118 -3.04 2.52 23.42
N ALA A 119 -4.06 3.00 24.12
CA ALA A 119 -5.18 2.19 24.65
C ALA A 119 -6.06 1.65 23.51
N MET A 120 -6.35 2.47 22.49
CA MET A 120 -7.22 2.05 21.35
C MET A 120 -6.46 1.04 20.48
N CYS A 121 -5.16 1.26 20.22
CA CYS A 121 -4.32 0.38 19.35
C CYS A 121 -4.18 -0.99 20.05
N ALA A 122 -3.98 -0.97 21.38
CA ALA A 122 -3.84 -2.18 22.22
C ALA A 122 -5.11 -3.03 22.17
N GLU A 123 -6.29 -2.41 22.11
CA GLU A 123 -7.60 -3.09 22.09
C GLU A 123 -7.88 -3.66 20.70
N LEU A 124 -7.63 -2.90 19.64
CA LEU A 124 -7.87 -3.38 18.25
C LEU A 124 -6.90 -4.52 17.93
N HIS A 125 -5.63 -4.39 18.33
CA HIS A 125 -4.59 -5.43 18.08
C HIS A 125 -4.99 -6.74 18.75
N ARG A 126 -5.55 -6.66 19.96
CA ARG A 126 -6.11 -7.80 20.73
C ARG A 126 -7.19 -8.49 19.89
N ARG A 127 -8.15 -7.72 19.37
CA ARG A 127 -9.31 -8.21 18.57
C ARG A 127 -8.82 -8.78 17.23
N ILE A 128 -7.85 -8.12 16.62
CA ILE A 128 -7.31 -8.49 15.27
C ILE A 128 -6.62 -9.86 15.40
N ALA A 129 -5.78 -10.00 16.43
CA ALA A 129 -5.03 -11.24 16.73
C ALA A 129 -6.04 -12.38 17.02
N ASP A 130 -7.01 -12.13 17.91
CA ASP A 130 -8.00 -13.14 18.36
C ASP A 130 -8.88 -13.58 17.18
N SER A 131 -9.15 -12.67 16.25
CA SER A 131 -9.94 -12.92 15.01
C SER A 131 -9.18 -13.81 14.02
N GLY A 132 -7.84 -13.86 14.10
CA GLY A 132 -6.98 -14.77 13.31
C GLY A 132 -6.38 -14.11 12.07
N TYR A 133 -6.29 -12.79 12.06
CA TYR A 133 -5.56 -12.02 11.01
C TYR A 133 -4.07 -12.20 11.25
N PRO A 134 -3.30 -12.69 10.26
CA PRO A 134 -1.85 -12.82 10.40
C PRO A 134 -1.08 -11.49 10.35
N VAL A 135 -1.63 -10.50 9.63
CA VAL A 135 -1.00 -9.15 9.50
C VAL A 135 -2.08 -8.07 9.64
N ALA A 136 -1.65 -6.88 10.09
CA ALA A 136 -2.40 -5.61 10.00
C ALA A 136 -1.61 -4.63 9.16
N ALA A 137 -2.29 -3.65 8.59
CA ALA A 137 -1.70 -2.63 7.69
C ALA A 137 -2.38 -1.27 7.92
N LEU A 138 -1.65 -0.21 7.60
CA LEU A 138 -2.21 1.17 7.63
C LEU A 138 -1.38 2.08 6.69
N HIS A 139 -1.98 3.21 6.33
CA HIS A 139 -1.29 4.40 5.75
C HIS A 139 -1.12 5.44 6.86
N ALA A 140 0.11 5.94 7.02
CA ALA A 140 0.53 6.81 8.16
C ALA A 140 0.37 8.28 7.79
N SER A 141 -0.28 9.07 8.65
CA SER A 141 -0.40 10.55 8.52
C SER A 141 0.93 11.20 8.91
N GLU A 142 1.69 10.60 9.83
CA GLU A 142 3.09 11.01 10.13
C GLU A 142 3.97 9.76 10.27
N GLY A 143 5.27 9.90 9.97
CA GLY A 143 6.22 8.77 9.93
C GLY A 143 6.80 8.38 11.29
N GLY A 144 6.38 9.06 12.40
CA GLY A 144 7.00 8.93 13.74
C GLY A 144 6.06 8.33 14.79
N ILE A 145 4.86 7.95 14.39
CA ILE A 145 3.79 7.47 15.30
C ILE A 145 3.89 5.93 15.43
N TYR A 146 3.83 5.20 14.32
CA TYR A 146 3.30 3.80 14.29
C TYR A 146 4.44 2.77 14.51
N GLY A 147 5.70 3.18 14.38
CA GLY A 147 6.87 2.30 14.66
C GLY A 147 6.79 1.65 16.03
N ARG A 148 6.35 2.40 17.03
CA ARG A 148 6.32 1.95 18.45
C ARG A 148 5.18 0.95 18.70
N PHE A 149 4.16 0.89 17.84
CA PHE A 149 3.05 -0.10 17.94
C PHE A 149 3.32 -1.31 17.02
N GLY A 150 4.53 -1.39 16.44
CA GLY A 150 5.05 -2.58 15.72
C GLY A 150 4.85 -2.51 14.21
N TYR A 151 4.45 -1.36 13.66
CA TYR A 151 4.24 -1.15 12.20
C TYR A 151 5.56 -0.68 11.56
N GLY A 152 5.92 -1.32 10.45
CA GLY A 152 7.10 -0.97 9.62
C GLY A 152 6.67 -0.53 8.22
N PRO A 153 7.29 0.54 7.67
CA PRO A 153 6.98 0.94 6.30
C PRO A 153 7.41 -0.20 5.38
N ALA A 154 6.51 -0.64 4.50
CA ALA A 154 6.64 -1.90 3.73
C ALA A 154 6.65 -1.66 2.22
N THR A 155 6.11 -0.52 1.75
CA THR A 155 6.13 -0.09 0.32
C THR A 155 6.61 1.35 0.25
N THR A 156 7.15 1.74 -0.90
CA THR A 156 7.67 3.11 -1.15
C THR A 156 6.88 3.76 -2.29
N LEU A 157 6.22 4.89 -2.00
CA LEU A 157 5.63 5.79 -3.02
C LEU A 157 6.76 6.61 -3.64
N HIS A 158 6.70 6.78 -4.95
CA HIS A 158 7.79 7.32 -5.81
C HIS A 158 7.11 8.15 -6.91
N GLU A 159 7.06 9.47 -6.75
CA GLU A 159 6.43 10.36 -7.76
C GLU A 159 7.42 10.66 -8.89
N LEU A 160 7.05 10.29 -10.12
CA LEU A 160 7.80 10.66 -11.35
C LEU A 160 7.04 11.78 -12.06
N THR A 161 7.75 12.84 -12.43
CA THR A 161 7.26 13.98 -13.22
C THR A 161 8.04 13.97 -14.54
N VAL A 162 7.36 13.72 -15.65
CA VAL A 162 7.97 13.67 -17.02
C VAL A 162 7.73 15.01 -17.72
N ASP A 163 8.77 15.75 -18.12
CA ASP A 163 8.60 16.89 -19.06
C ASP A 163 8.39 16.29 -20.45
N ARG A 164 7.13 16.14 -20.88
CA ARG A 164 6.72 15.31 -22.04
C ARG A 164 6.98 16.04 -23.35
N ARG A 165 7.44 17.28 -23.31
CA ARG A 165 7.80 18.05 -24.53
C ARG A 165 9.12 17.51 -25.10
N PHE A 166 10.01 17.00 -24.26
CA PHE A 166 11.32 16.46 -24.68
C PHE A 166 11.25 14.93 -24.88
N ALA A 167 10.22 14.26 -24.35
CA ALA A 167 10.17 12.78 -24.21
C ALA A 167 10.12 12.15 -25.60
N ARG A 168 11.13 11.35 -25.92
CA ARG A 168 11.21 10.49 -27.14
C ARG A 168 11.44 9.03 -26.71
N PHE A 169 10.62 8.11 -27.18
CA PHE A 169 10.74 6.66 -26.85
C PHE A 169 11.96 6.06 -27.52
N HIS A 170 12.72 5.27 -26.76
CA HIS A 170 13.89 4.47 -27.20
C HIS A 170 13.45 3.55 -28.35
N ALA A 171 14.40 3.22 -29.23
CA ALA A 171 14.20 2.32 -30.39
C ALA A 171 13.71 0.95 -29.91
N ASP A 172 14.26 0.48 -28.78
CA ASP A 172 13.96 -0.85 -28.15
C ASP A 172 12.52 -0.89 -27.61
N ALA A 173 11.91 0.26 -27.29
CA ALA A 173 10.58 0.35 -26.61
C ALA A 173 9.52 -0.39 -27.43
N PRO A 174 8.66 -1.22 -26.79
CA PRO A 174 7.55 -1.86 -27.50
C PRO A 174 6.47 -0.90 -28.02
N GLY A 175 5.79 -1.29 -29.11
CA GLY A 175 4.56 -0.64 -29.63
C GLY A 175 4.84 0.64 -30.42
N GLY A 176 5.98 0.71 -31.10
CA GLY A 176 6.41 1.87 -31.92
C GLY A 176 6.19 1.65 -33.40
N GLY A 177 5.56 0.52 -33.77
CA GLY A 177 5.34 0.10 -35.17
C GLY A 177 4.17 0.82 -35.81
N LEU A 178 4.08 0.77 -37.15
CA LEU A 178 3.01 1.38 -37.99
C LEU A 178 1.69 0.64 -37.75
N GLY A 179 0.58 1.23 -38.20
CA GLY A 179 -0.79 0.70 -37.99
C GLY A 179 -1.41 1.24 -36.72
N GLY A 180 -2.61 0.77 -36.36
CA GLY A 180 -3.46 1.32 -35.29
C GLY A 180 -2.83 1.24 -33.91
N SER A 181 -3.24 2.15 -33.01
CA SER A 181 -2.97 2.09 -31.55
C SER A 181 -3.91 1.06 -30.93
N SER A 182 -3.43 0.36 -29.90
CA SER A 182 -4.23 -0.61 -29.10
C SER A 182 -5.00 0.16 -28.01
N VAL A 183 -4.56 1.38 -27.67
CA VAL A 183 -5.08 2.24 -26.55
C VAL A 183 -6.24 3.11 -27.08
N ARG A 184 -7.29 3.25 -26.29
CA ARG A 184 -8.47 4.11 -26.57
C ARG A 184 -8.63 5.16 -25.47
N LEU A 185 -8.97 6.39 -25.84
CA LEU A 185 -9.38 7.44 -24.87
C LEU A 185 -10.88 7.28 -24.58
N VAL A 186 -11.26 7.08 -23.32
CA VAL A 186 -12.67 6.76 -22.94
C VAL A 186 -13.07 7.56 -21.71
N ARG A 187 -14.37 7.60 -21.43
CA ARG A 187 -14.95 8.01 -20.13
C ARG A 187 -14.86 6.84 -19.17
N PRO A 188 -14.32 7.03 -17.94
CA PRO A 188 -14.25 5.94 -16.96
C PRO A 188 -15.58 5.19 -16.73
N THR A 189 -16.66 5.92 -16.47
CA THR A 189 -17.98 5.36 -16.03
C THR A 189 -18.59 4.44 -17.08
N GLU A 190 -18.17 4.56 -18.34
CA GLU A 190 -18.74 3.77 -19.48
C GLU A 190 -18.01 2.43 -19.64
N HIS A 191 -16.90 2.21 -18.91
CA HIS A 191 -16.00 1.03 -19.03
C HIS A 191 -15.57 0.52 -17.64
N ARG A 192 -16.52 0.48 -16.71
CA ARG A 192 -16.31 0.01 -15.32
C ARG A 192 -15.86 -1.45 -15.34
N GLY A 193 -16.64 -2.32 -15.99
CA GLY A 193 -16.39 -3.77 -16.09
C GLY A 193 -14.95 -4.08 -16.46
N GLU A 194 -14.42 -3.35 -17.44
CA GLU A 194 -13.07 -3.60 -18.03
C GLU A 194 -11.99 -3.17 -17.05
N PHE A 195 -12.17 -2.03 -16.37
CA PHE A 195 -11.22 -1.55 -15.34
C PHE A 195 -11.17 -2.61 -14.23
N GLU A 196 -12.34 -2.94 -13.68
CA GLU A 196 -12.50 -3.96 -12.60
C GLU A 196 -11.68 -5.21 -12.97
N ALA A 197 -11.93 -5.76 -14.14
CA ALA A 197 -11.31 -7.00 -14.63
C ALA A 197 -9.78 -6.85 -14.64
N ILE A 198 -9.28 -5.73 -15.17
CA ILE A 198 -7.82 -5.50 -15.35
C ILE A 198 -7.19 -5.35 -13.96
N TYR A 199 -7.82 -4.58 -13.08
CA TYR A 199 -7.35 -4.36 -11.68
C TYR A 199 -7.30 -5.71 -10.97
N GLU A 200 -8.37 -6.50 -11.05
CA GLU A 200 -8.48 -7.83 -10.41
C GLU A 200 -7.29 -8.70 -10.83
N ARG A 201 -6.93 -8.68 -12.12
CA ARG A 201 -5.75 -9.40 -12.64
C ARG A 201 -4.47 -8.83 -12.03
N TRP A 202 -4.38 -7.50 -11.97
CA TRP A 202 -3.19 -6.77 -11.48
C TRP A 202 -2.93 -7.13 -10.01
N ARG A 203 -3.96 -7.02 -9.17
CA ARG A 203 -3.85 -7.07 -7.69
C ARG A 203 -3.47 -8.47 -7.23
N GLN A 204 -3.82 -9.49 -8.01
CA GLN A 204 -3.51 -10.91 -7.71
C GLN A 204 -2.08 -11.26 -8.08
N GLN A 205 -1.43 -10.49 -8.94
CA GLN A 205 -0.08 -10.88 -9.41
C GLN A 205 0.97 -9.96 -8.79
N VAL A 206 0.60 -8.89 -8.06
CA VAL A 206 1.55 -7.86 -7.58
C VAL A 206 1.55 -7.79 -6.05
N PRO A 207 2.73 -7.96 -5.38
CA PRO A 207 2.83 -7.73 -3.93
C PRO A 207 2.53 -6.26 -3.55
N GLY A 208 1.65 -6.09 -2.56
CA GLY A 208 1.06 -4.81 -2.19
C GLY A 208 -0.34 -4.65 -2.77
N GLY A 209 -0.73 -5.54 -3.71
CA GLY A 209 -2.08 -5.54 -4.31
C GLY A 209 -3.15 -5.69 -3.24
N LEU A 210 -4.26 -4.95 -3.34
CA LEU A 210 -5.47 -5.12 -2.50
C LEU A 210 -6.68 -5.42 -3.39
N LEU A 211 -7.51 -6.38 -2.96
CA LEU A 211 -8.88 -6.57 -3.50
C LEU A 211 -9.60 -5.23 -3.38
N ARG A 212 -10.19 -4.73 -4.47
CA ARG A 212 -11.03 -3.49 -4.43
C ARG A 212 -12.50 -3.89 -4.55
N PRO A 213 -13.28 -3.87 -3.45
CA PRO A 213 -14.69 -4.27 -3.50
C PRO A 213 -15.59 -3.28 -4.26
N GLN A 214 -16.79 -3.73 -4.64
CA GLN A 214 -17.73 -2.98 -5.52
C GLN A 214 -17.91 -1.56 -4.99
N VAL A 215 -18.08 -1.39 -3.68
CA VAL A 215 -18.40 -0.08 -3.07
C VAL A 215 -17.26 0.93 -3.28
N LEU A 216 -16.00 0.47 -3.44
CA LEU A 216 -14.83 1.37 -3.65
C LEU A 216 -14.67 1.73 -5.13
N TRP A 217 -15.21 0.90 -6.02
CA TRP A 217 -15.35 1.21 -7.47
C TRP A 217 -16.46 2.24 -7.66
N ASP A 218 -17.57 2.12 -6.92
CA ASP A 218 -18.65 3.15 -6.90
C ASP A 218 -18.04 4.50 -6.52
N GLU A 219 -17.24 4.50 -5.45
CA GLU A 219 -16.53 5.70 -4.92
C GLU A 219 -15.57 6.26 -5.96
N LEU A 220 -14.74 5.41 -6.56
CA LEU A 220 -13.67 5.84 -7.49
C LEU A 220 -14.27 6.53 -8.73
N LEU A 221 -15.36 5.97 -9.27
CA LEU A 221 -16.03 6.47 -10.51
C LEU A 221 -16.92 7.69 -10.21
N ALA A 222 -17.24 7.95 -8.95
CA ALA A 222 -17.97 9.17 -8.50
C ALA A 222 -17.00 10.36 -8.48
N GLU A 223 -15.75 10.12 -8.11
CA GLU A 223 -14.65 11.13 -8.08
C GLU A 223 -14.13 11.39 -9.49
N ALA A 224 -14.53 10.60 -10.48
CA ALA A 224 -14.05 10.69 -11.88
C ALA A 224 -14.70 11.89 -12.60
N LYS A 225 -15.88 12.33 -12.16
CA LYS A 225 -16.60 13.49 -12.76
C LYS A 225 -16.10 14.79 -12.10
N ALA A 226 -16.20 15.90 -12.84
CA ALA A 226 -15.78 17.26 -12.40
C ALA A 226 -16.64 17.73 -11.22
N ALA A 227 -16.03 18.45 -10.28
CA ALA A 227 -16.68 19.04 -9.08
C ALA A 227 -16.71 20.56 -9.21
N PRO A 228 -17.82 21.26 -8.86
CA PRO A 228 -17.85 22.73 -8.93
C PRO A 228 -16.83 23.41 -8.00
N GLY A 229 -15.83 24.08 -8.58
CA GLY A 229 -14.71 24.73 -7.85
C GLY A 229 -13.79 23.71 -7.22
N GLY A 230 -13.73 22.50 -7.79
CA GLY A 230 -12.97 21.35 -7.28
C GLY A 230 -12.09 20.75 -8.36
N ASP A 231 -12.00 19.41 -8.39
CA ASP A 231 -11.19 18.64 -9.37
C ASP A 231 -11.87 18.72 -10.75
N ARG A 232 -11.07 18.64 -11.81
CA ARG A 232 -11.52 18.60 -13.23
C ARG A 232 -11.90 17.17 -13.59
N GLU A 233 -12.53 16.97 -14.75
CA GLU A 233 -13.03 15.64 -15.19
C GLU A 233 -11.85 14.69 -15.43
N SER A 234 -11.95 13.45 -14.92
CA SER A 234 -11.00 12.33 -15.15
C SER A 234 -11.28 11.68 -16.51
N PHE A 235 -10.23 11.44 -17.29
CA PHE A 235 -10.30 10.62 -18.53
C PHE A 235 -9.55 9.31 -18.28
N ALA A 236 -9.81 8.32 -19.12
CA ALA A 236 -9.17 7.00 -19.05
C ALA A 236 -8.53 6.70 -20.40
N LEU A 237 -7.32 6.13 -20.38
CA LEU A 237 -6.70 5.42 -21.50
C LEU A 237 -6.87 3.93 -21.24
N LEU A 238 -7.51 3.20 -22.14
CA LEU A 238 -7.86 1.77 -21.96
C LEU A 238 -7.15 0.92 -23.01
N HIS A 239 -6.38 -0.06 -22.54
CA HIS A 239 -5.76 -1.16 -23.33
C HIS A 239 -6.48 -2.45 -22.92
N PRO A 240 -6.39 -3.54 -23.71
CA PRO A 240 -6.86 -4.85 -23.23
C PRO A 240 -6.25 -5.33 -21.90
N ASP A 241 -5.00 -4.95 -21.61
CA ASP A 241 -4.17 -5.46 -20.48
C ASP A 241 -3.65 -4.30 -19.61
N GLY A 242 -4.38 -3.19 -19.56
CA GLY A 242 -4.01 -2.05 -18.71
C GLY A 242 -4.93 -0.85 -18.88
N TYR A 243 -4.97 0.02 -17.87
CA TYR A 243 -5.63 1.35 -17.96
C TYR A 243 -4.78 2.37 -17.19
N ALA A 244 -5.00 3.65 -17.51
CA ALA A 244 -4.48 4.85 -16.82
C ALA A 244 -5.63 5.85 -16.63
N LEU A 245 -5.99 6.14 -15.38
CA LEU A 245 -6.92 7.26 -15.02
C LEU A 245 -6.07 8.50 -14.82
N TYR A 246 -6.50 9.62 -15.39
CA TYR A 246 -5.77 10.90 -15.25
C TYR A 246 -6.75 12.06 -15.39
N ARG A 247 -6.34 13.20 -14.84
CA ARG A 247 -7.07 14.48 -14.88
C ARG A 247 -6.03 15.61 -14.95
N VAL A 248 -6.43 16.74 -15.51
CA VAL A 248 -5.58 17.97 -15.50
C VAL A 248 -5.67 18.59 -14.10
N ASP A 249 -4.56 19.15 -13.62
CA ASP A 249 -4.43 19.75 -12.25
C ASP A 249 -5.40 20.94 -12.16
N ARG A 250 -6.01 21.12 -10.97
CA ARG A 250 -6.97 22.23 -10.66
C ARG A 250 -6.41 23.54 -11.19
N THR A 251 -5.20 23.90 -10.75
CA THR A 251 -4.62 25.26 -10.90
C THR A 251 -3.56 25.25 -12.00
N ASP A 252 -2.66 24.25 -12.01
CA ASP A 252 -1.59 24.13 -13.04
C ASP A 252 -2.17 23.39 -14.25
N LEU A 253 -2.58 24.14 -15.28
CA LEU A 253 -3.34 23.62 -16.45
C LEU A 253 -2.40 23.00 -17.49
N LYS A 254 -1.09 22.97 -17.24
CA LYS A 254 -0.09 22.29 -18.12
C LYS A 254 0.40 20.98 -17.49
N LEU A 255 -0.07 20.64 -16.29
CA LEU A 255 0.22 19.36 -15.58
C LEU A 255 -0.99 18.42 -15.67
N ALA A 256 -0.75 17.18 -16.14
CA ALA A 256 -1.72 16.08 -16.03
C ALA A 256 -1.27 15.15 -14.90
N ARG A 257 -2.16 14.87 -13.94
CA ARG A 257 -1.87 13.91 -12.85
C ARG A 257 -2.49 12.55 -13.19
N VAL A 258 -1.65 11.52 -13.28
CA VAL A 258 -2.10 10.11 -13.41
C VAL A 258 -2.44 9.62 -12.02
N SER A 259 -3.73 9.49 -11.71
CA SER A 259 -4.22 9.07 -10.37
C SER A 259 -3.95 7.58 -10.17
N GLU A 260 -3.93 6.80 -11.25
CA GLU A 260 -3.89 5.32 -11.20
C GLU A 260 -3.55 4.75 -12.57
N LEU A 261 -2.44 4.04 -12.69
CA LEU A 261 -2.08 3.26 -13.91
C LEU A 261 -1.88 1.79 -13.53
N ARG A 262 -2.79 0.92 -13.96
CA ARG A 262 -2.66 -0.54 -13.76
C ARG A 262 -2.33 -1.19 -15.10
N ALA A 263 -1.17 -1.85 -15.21
CA ALA A 263 -0.71 -2.59 -16.40
C ALA A 263 -0.31 -4.01 -16.00
N VAL A 264 -0.89 -5.00 -16.67
CA VAL A 264 -0.69 -6.46 -16.43
C VAL A 264 0.50 -6.96 -17.27
N THR A 265 0.80 -6.30 -18.39
CA THR A 265 1.91 -6.68 -19.30
C THR A 265 2.76 -5.46 -19.63
N ALA A 266 4.05 -5.69 -19.94
CA ALA A 266 5.05 -4.65 -20.29
C ALA A 266 4.56 -3.89 -21.53
N ASP A 267 3.95 -4.60 -22.46
CA ASP A 267 3.37 -4.01 -23.71
C ASP A 267 2.32 -2.96 -23.34
N ALA A 268 1.40 -3.29 -22.42
CA ALA A 268 0.31 -2.42 -21.97
C ALA A 268 0.87 -1.16 -21.30
N HIS A 269 1.89 -1.31 -20.45
CA HIS A 269 2.57 -0.21 -19.71
C HIS A 269 3.17 0.75 -20.73
N CYS A 270 3.92 0.23 -21.70
CA CYS A 270 4.59 1.08 -22.71
C CYS A 270 3.56 1.80 -23.59
N ALA A 271 2.55 1.06 -24.08
CA ALA A 271 1.43 1.55 -24.91
C ALA A 271 0.72 2.70 -24.21
N LEU A 272 0.38 2.52 -22.93
CA LEU A 272 -0.33 3.55 -22.12
C LEU A 272 0.54 4.80 -22.00
N TRP A 273 1.87 4.65 -21.85
CA TRP A 273 2.80 5.80 -21.64
C TRP A 273 3.02 6.55 -22.96
N ARG A 274 3.01 5.84 -24.10
CA ARG A 274 3.02 6.45 -25.45
C ARG A 274 1.80 7.35 -25.64
N ALA A 275 0.63 6.93 -25.14
CA ALA A 275 -0.62 7.72 -25.16
C ALA A 275 -0.49 8.94 -24.21
N LEU A 276 0.00 8.76 -22.99
CA LEU A 276 0.16 9.86 -21.99
C LEU A 276 1.16 10.91 -22.51
N ILE A 277 2.28 10.47 -23.11
CA ILE A 277 3.28 11.38 -23.72
C ILE A 277 2.68 12.05 -24.95
N GLY A 278 1.60 11.48 -25.51
CA GLY A 278 0.82 12.10 -26.60
C GLY A 278 -0.08 13.25 -26.15
N LEU A 279 -0.27 13.50 -24.84
CA LEU A 279 -1.10 14.64 -24.34
C LEU A 279 -0.35 15.96 -24.64
N ASP A 280 -0.47 16.44 -25.88
CA ASP A 280 0.41 17.49 -26.47
C ASP A 280 0.08 18.88 -25.91
N SER A 281 -1.06 19.06 -25.25
CA SER A 281 -1.41 20.36 -24.60
C SER A 281 -0.75 20.47 -23.22
N MET A 282 -0.21 19.36 -22.68
CA MET A 282 0.42 19.31 -21.34
C MET A 282 1.92 19.52 -21.48
N GLU A 283 2.56 20.11 -20.46
CA GLU A 283 4.04 20.24 -20.38
C GLU A 283 4.60 19.06 -19.60
N ARG A 284 3.88 18.61 -18.56
CA ARG A 284 4.35 17.65 -17.54
C ARG A 284 3.26 16.60 -17.29
N ILE A 285 3.66 15.35 -17.16
CA ILE A 285 2.85 14.22 -16.62
C ILE A 285 3.49 13.81 -15.30
N SER A 286 2.73 13.79 -14.20
CA SER A 286 3.17 13.24 -12.90
C SER A 286 2.35 11.99 -12.58
N ILE A 287 2.97 11.05 -11.88
CA ILE A 287 2.32 9.81 -11.38
C ILE A 287 3.01 9.43 -10.09
N ILE A 288 2.24 8.94 -9.12
CA ILE A 288 2.78 8.27 -7.89
C ILE A 288 2.84 6.78 -8.21
N THR A 289 4.05 6.26 -8.24
CA THR A 289 4.37 4.89 -8.71
C THR A 289 5.35 4.26 -7.72
N HIS A 290 6.10 3.23 -8.13
CA HIS A 290 7.05 2.49 -7.25
C HIS A 290 8.47 2.71 -7.75
N PRO A 291 9.51 2.48 -6.91
CA PRO A 291 10.90 2.74 -7.32
C PRO A 291 11.37 1.96 -8.56
N GLN A 292 10.75 0.83 -8.88
CA GLN A 292 11.24 -0.04 -9.99
C GLN A 292 10.38 0.19 -11.24
N ASP A 293 9.57 1.26 -11.29
CA ASP A 293 8.79 1.59 -12.52
C ASP A 293 9.77 1.66 -13.67
N PRO A 294 9.54 0.89 -14.77
CA PRO A 294 10.46 0.90 -15.91
C PRO A 294 10.40 2.14 -16.81
N LEU A 295 9.48 3.06 -16.55
CA LEU A 295 9.20 4.22 -17.44
C LEU A 295 10.50 4.92 -17.84
N PRO A 296 11.42 5.27 -16.92
CA PRO A 296 12.62 5.99 -17.31
C PRO A 296 13.42 5.31 -18.43
N HIS A 297 13.45 3.98 -18.45
CA HIS A 297 14.22 3.14 -19.42
C HIS A 297 13.52 3.08 -20.78
N LEU A 298 12.22 3.42 -20.86
CA LEU A 298 11.46 3.51 -22.12
C LEU A 298 11.89 4.74 -22.94
N LEU A 299 12.58 5.72 -22.32
CA LEU A 299 12.94 7.00 -22.96
C LEU A 299 14.42 6.97 -23.37
N THR A 300 14.76 7.76 -24.39
CA THR A 300 16.15 8.00 -24.86
C THR A 300 16.95 8.76 -23.78
N ASP A 301 16.25 9.60 -23.00
CA ASP A 301 16.84 10.35 -21.87
C ASP A 301 16.13 9.90 -20.59
N THR A 302 16.76 9.01 -19.84
CA THR A 302 16.20 8.46 -18.57
C THR A 302 15.96 9.60 -17.58
N ARG A 303 16.67 10.72 -17.73
CA ARG A 303 16.68 11.86 -16.76
C ARG A 303 15.39 12.70 -16.88
N LEU A 304 14.60 12.50 -17.93
CA LEU A 304 13.33 13.23 -18.16
C LEU A 304 12.25 12.79 -17.19
N ALA A 305 12.35 11.56 -16.67
CA ALA A 305 11.44 11.04 -15.64
C ALA A 305 12.04 11.35 -14.26
N ARG A 306 11.87 12.59 -13.79
CA ARG A 306 12.46 13.07 -12.51
C ARG A 306 11.61 12.56 -11.34
N THR A 307 12.27 11.93 -10.36
CA THR A 307 11.70 11.68 -9.02
C THR A 307 11.58 13.04 -8.32
N THR A 308 10.33 13.45 -8.07
CA THR A 308 9.96 14.75 -7.47
C THR A 308 9.60 14.58 -6.00
N TRP A 309 9.31 13.35 -5.55
CA TRP A 309 8.72 13.05 -4.22
C TRP A 309 8.91 11.58 -3.89
N ARG A 310 9.30 11.26 -2.66
CA ARG A 310 9.36 9.87 -2.13
C ARG A 310 8.81 9.85 -0.72
N GLN A 311 8.15 8.76 -0.38
CA GLN A 311 7.55 8.61 0.96
C GLN A 311 7.18 7.16 1.18
N ASP A 312 6.94 6.81 2.44
CA ASP A 312 6.46 5.47 2.84
C ASP A 312 5.03 5.33 2.30
N GLY A 313 4.66 4.13 1.83
CA GLY A 313 3.27 3.88 1.42
C GLY A 313 2.56 3.11 2.50
N LEU A 314 2.40 1.79 2.27
CA LEU A 314 1.70 0.88 3.20
C LEU A 314 2.65 0.50 4.34
N TRP A 315 2.12 0.52 5.57
CA TRP A 315 2.81 0.05 6.80
C TRP A 315 2.20 -1.28 7.23
N LEU A 316 3.06 -2.17 7.71
CA LEU A 316 2.69 -3.57 8.02
C LEU A 316 3.07 -3.88 9.47
N ARG A 317 2.11 -4.39 10.24
CA ARG A 317 2.38 -5.02 11.55
C ARG A 317 2.14 -6.52 11.40
N ILE A 318 3.18 -7.32 11.56
CA ILE A 318 3.08 -8.82 11.56
C ILE A 318 2.44 -9.26 12.89
N MET A 319 1.20 -9.76 12.83
CA MET A 319 0.41 -10.12 14.04
C MET A 319 0.84 -11.49 14.56
N ASN A 320 1.04 -12.45 13.66
CA ASN A 320 1.48 -13.84 13.97
C ASN A 320 2.74 -14.14 13.14
N VAL A 321 3.91 -14.15 13.77
CA VAL A 321 5.22 -14.22 13.06
C VAL A 321 5.29 -15.53 12.27
N PRO A 322 5.10 -16.71 12.90
CA PRO A 322 5.17 -17.96 12.16
C PRO A 322 4.16 -18.04 10.99
N ALA A 323 2.90 -17.65 11.20
CA ALA A 323 1.83 -17.71 10.18
C ALA A 323 2.25 -16.88 8.95
N ALA A 324 2.77 -15.68 9.19
CA ALA A 324 3.16 -14.71 8.15
C ALA A 324 4.39 -15.22 7.39
N LEU A 325 5.46 -15.61 8.09
CA LEU A 325 6.72 -16.05 7.45
C LEU A 325 6.48 -17.31 6.62
N GLU A 326 5.57 -18.20 7.05
CA GLU A 326 5.28 -19.47 6.36
C GLU A 326 4.38 -19.23 5.14
N ALA A 327 3.55 -18.19 5.16
CA ALA A 327 2.54 -17.91 4.11
C ALA A 327 3.18 -17.39 2.82
N ARG A 328 4.27 -16.60 2.89
CA ARG A 328 4.85 -15.94 1.69
C ARG A 328 5.86 -16.87 1.01
N GLY A 329 6.05 -16.68 -0.28
CA GLY A 329 7.12 -17.34 -1.06
C GLY A 329 8.44 -16.61 -0.88
N TYR A 330 9.55 -17.32 -1.08
CA TYR A 330 10.93 -16.76 -1.01
C TYR A 330 11.64 -17.03 -2.32
N ALA A 331 12.76 -16.34 -2.54
CA ALA A 331 13.59 -16.46 -3.76
C ALA A 331 14.10 -17.90 -3.87
N HIS A 332 13.95 -18.50 -5.05
CA HIS A 332 14.39 -19.89 -5.37
C HIS A 332 15.91 -19.94 -5.56
N GLU A 333 16.56 -18.79 -5.81
CA GLU A 333 17.99 -18.71 -6.20
C GLU A 333 18.89 -19.01 -5.00
N VAL A 334 18.53 -18.51 -3.81
CA VAL A 334 19.28 -18.78 -2.54
C VAL A 334 19.10 -20.26 -2.17
N GLY A 335 20.19 -20.94 -1.81
CA GLY A 335 20.15 -22.35 -1.40
C GLY A 335 19.57 -22.50 -0.01
N GLU A 336 19.05 -23.69 0.34
CA GLU A 336 18.45 -23.97 1.66
C GLU A 336 19.40 -23.56 2.79
N PHE A 337 18.85 -22.91 3.82
CA PHE A 337 19.57 -22.42 5.02
C PHE A 337 18.58 -22.37 6.20
N SER A 338 19.13 -22.56 7.40
CA SER A 338 18.40 -22.55 8.69
C SER A 338 18.99 -21.46 9.57
N THR A 339 18.17 -20.89 10.44
CA THR A 339 18.63 -19.88 11.43
C THR A 339 17.63 -19.81 12.58
N VAL A 340 17.97 -19.05 13.59
CA VAL A 340 17.05 -18.75 14.72
C VAL A 340 16.82 -17.24 14.73
N LEU A 341 15.58 -16.84 14.47
CA LEU A 341 15.12 -15.43 14.49
C LEU A 341 14.42 -15.16 15.83
N GLU A 342 14.80 -14.06 16.48
CA GLU A 342 14.04 -13.52 17.64
C GLU A 342 13.42 -12.18 17.25
N VAL A 343 12.08 -12.08 17.34
CA VAL A 343 11.34 -10.80 17.30
C VAL A 343 11.22 -10.34 18.75
N SER A 344 11.64 -9.11 19.07
CA SER A 344 11.49 -8.50 20.41
C SER A 344 10.02 -8.63 20.86
N ASP A 345 9.76 -9.42 21.90
CA ASP A 345 8.42 -9.60 22.52
C ASP A 345 7.44 -10.22 21.51
N GLY A 346 7.94 -10.92 20.49
CA GLY A 346 7.12 -11.54 19.43
C GLY A 346 7.37 -13.03 19.28
N GLY A 347 8.26 -13.59 20.11
CA GLY A 347 8.66 -15.02 20.10
C GLY A 347 10.07 -15.20 19.56
N ARG A 348 10.58 -16.43 19.65
CA ARG A 348 11.85 -16.89 19.01
C ARG A 348 11.56 -18.15 18.22
N PHE A 349 12.09 -18.26 17.00
CA PHE A 349 11.71 -19.30 16.00
C PHE A 349 12.95 -19.85 15.31
N ALA A 350 12.96 -21.17 15.13
CA ALA A 350 13.79 -21.86 14.13
C ALA A 350 13.19 -21.56 12.77
N LEU A 351 13.94 -20.87 11.92
CA LEU A 351 13.52 -20.49 10.56
C LEU A 351 14.37 -21.28 9.57
N LYS A 352 13.72 -22.10 8.74
CA LYS A 352 14.36 -22.92 7.68
C LYS A 352 13.72 -22.51 6.36
N ILE A 353 14.52 -21.96 5.44
CA ILE A 353 14.08 -21.48 4.10
C ILE A 353 14.79 -22.32 3.05
N GLY A 354 14.04 -22.95 2.15
CA GLY A 354 14.56 -23.66 0.97
C GLY A 354 13.45 -23.97 -0.01
N ASP A 355 13.76 -23.97 -1.32
CA ASP A 355 12.79 -24.22 -2.43
C ASP A 355 11.68 -23.17 -2.36
N GLY A 356 12.04 -21.94 -1.98
CA GLY A 356 11.13 -20.78 -1.96
C GLY A 356 10.02 -20.92 -0.94
N ARG A 357 10.14 -21.86 0.02
CA ARG A 357 9.19 -21.98 1.15
C ARG A 357 9.96 -21.87 2.47
N ALA A 358 9.26 -21.43 3.52
CA ALA A 358 9.79 -21.28 4.89
C ALA A 358 9.02 -22.19 5.85
N ARG A 359 9.75 -22.83 6.77
CA ARG A 359 9.17 -23.49 7.97
C ARG A 359 9.69 -22.76 9.21
N CYS A 360 8.76 -22.35 10.06
CA CYS A 360 8.98 -21.44 11.21
C CYS A 360 8.32 -22.05 12.45
N THR A 361 9.14 -22.56 13.39
CA THR A 361 8.70 -23.35 14.56
C THR A 361 9.31 -22.83 15.86
N PRO A 362 8.61 -22.96 17.01
CA PRO A 362 9.12 -22.46 18.28
C PRO A 362 10.47 -23.09 18.63
N THR A 363 11.34 -22.32 19.26
CA THR A 363 12.63 -22.83 19.80
C THR A 363 13.05 -21.99 21.01
N ASP A 364 13.92 -22.55 21.85
CA ASP A 364 14.61 -21.79 22.92
C ASP A 364 16.12 -21.78 22.61
N ALA A 365 16.52 -22.31 21.46
CA ALA A 365 17.92 -22.25 20.96
C ALA A 365 18.36 -20.79 20.88
N ALA A 366 19.67 -20.55 20.95
CA ALA A 366 20.27 -19.18 20.93
C ALA A 366 19.86 -18.46 19.65
N ALA A 367 19.48 -17.19 19.75
CA ALA A 367 19.09 -16.33 18.61
C ALA A 367 20.33 -16.05 17.76
N GLU A 368 20.20 -16.12 16.43
CA GLU A 368 21.24 -15.70 15.45
C GLU A 368 20.89 -14.31 14.90
N ILE A 369 19.60 -14.01 14.76
CA ILE A 369 19.04 -12.70 14.29
C ILE A 369 18.09 -12.16 15.36
N GLU A 370 18.19 -10.88 15.67
CA GLU A 370 17.21 -10.16 16.53
C GLU A 370 16.72 -8.92 15.79
N MET A 371 15.44 -8.59 15.93
CA MET A 371 14.83 -7.36 15.37
C MET A 371 13.53 -7.05 16.12
N ASP A 372 13.13 -5.78 16.14
CA ASP A 372 11.78 -5.36 16.61
C ASP A 372 10.75 -5.81 15.57
N ARG A 373 9.47 -5.91 15.94
CA ARG A 373 8.37 -6.46 15.10
C ARG A 373 8.14 -5.57 13.87
N ASP A 374 8.39 -4.26 14.01
CA ASP A 374 8.21 -3.25 12.93
C ASP A 374 9.21 -3.55 11.81
N VAL A 375 10.43 -3.95 12.16
CA VAL A 375 11.54 -4.21 11.19
C VAL A 375 11.11 -5.38 10.30
N LEU A 376 10.48 -6.39 10.88
CA LEU A 376 9.98 -7.57 10.12
C LEU A 376 8.94 -7.11 9.09
N GLY A 377 7.99 -6.27 9.50
CA GLY A 377 7.00 -5.67 8.58
C GLY A 377 7.67 -5.05 7.36
N SER A 378 8.74 -4.27 7.57
CA SER A 378 9.52 -3.54 6.54
C SER A 378 10.26 -4.50 5.59
N LEU A 379 10.66 -5.68 6.07
CA LEU A 379 11.33 -6.72 5.25
C LEU A 379 10.32 -7.52 4.42
N TYR A 380 9.08 -7.62 4.91
CA TYR A 380 8.12 -8.70 4.58
C TYR A 380 7.69 -8.67 3.11
N LEU A 381 7.53 -7.50 2.47
CA LEU A 381 7.11 -7.40 1.05
C LEU A 381 8.34 -7.15 0.14
N GLY A 382 9.56 -7.13 0.69
CA GLY A 382 10.81 -6.99 -0.07
C GLY A 382 11.17 -5.56 -0.42
N ALA A 383 10.47 -4.55 0.09
CA ALA A 383 10.75 -3.13 -0.20
C ALA A 383 12.13 -2.76 0.35
N HIS A 384 12.47 -3.21 1.56
CA HIS A 384 13.72 -2.84 2.26
C HIS A 384 14.60 -4.07 2.37
N ARG A 385 15.92 -3.89 2.28
CA ARG A 385 16.93 -4.97 2.36
C ARG A 385 17.35 -5.14 3.81
N ALA A 386 17.54 -6.38 4.26
CA ALA A 386 18.01 -6.72 5.62
C ALA A 386 19.36 -6.04 5.88
N SER A 387 20.22 -5.97 4.86
CA SER A 387 21.58 -5.35 4.92
C SER A 387 21.46 -3.88 5.32
N THR A 388 20.49 -3.17 4.73
CA THR A 388 20.25 -1.74 4.97
C THR A 388 19.82 -1.57 6.43
N LEU A 389 18.83 -2.35 6.88
CA LEU A 389 18.27 -2.26 8.25
C LEU A 389 19.34 -2.68 9.25
N ALA A 390 20.20 -3.63 8.87
CA ALA A 390 21.31 -4.13 9.70
C ALA A 390 22.32 -3.01 9.93
N ALA A 391 22.63 -2.26 8.88
CA ALA A 391 23.63 -1.17 8.92
C ALA A 391 23.20 -0.09 9.91
N ALA A 392 21.88 0.06 10.15
CA ALA A 392 21.27 1.02 11.09
C ALA A 392 21.06 0.36 12.45
N ASN A 393 21.48 -0.91 12.60
CA ASN A 393 21.40 -1.70 13.85
C ASN A 393 19.92 -1.89 14.25
N ARG A 394 18.99 -1.85 13.30
CA ARG A 394 17.56 -2.17 13.54
C ARG A 394 17.42 -3.71 13.57
N LEU A 395 18.37 -4.38 12.91
CA LEU A 395 18.43 -5.86 12.71
C LEU A 395 19.85 -6.31 13.11
N ARG A 396 19.94 -7.14 14.17
CA ARG A 396 21.24 -7.57 14.77
C ARG A 396 21.52 -9.03 14.39
N THR A 397 22.71 -9.28 13.86
CA THR A 397 23.30 -10.63 13.70
C THR A 397 24.83 -10.47 13.68
N LYS A 398 25.57 -11.53 14.05
CA LYS A 398 27.06 -11.53 14.04
C LYS A 398 27.57 -12.39 12.89
N ASP A 399 26.74 -12.59 11.85
CA ASP A 399 27.06 -13.46 10.69
C ASP A 399 26.65 -12.76 9.38
N SER A 400 27.64 -12.22 8.65
CA SER A 400 27.40 -11.44 7.41
C SER A 400 26.83 -12.36 6.32
N GLN A 401 27.24 -13.63 6.32
CA GLN A 401 26.75 -14.64 5.33
C GLN A 401 25.23 -14.78 5.49
N LEU A 402 24.75 -14.87 6.73
CA LEU A 402 23.31 -15.04 7.07
C LEU A 402 22.53 -13.80 6.62
N LEU A 403 23.17 -12.63 6.73
CA LEU A 403 22.60 -11.32 6.30
C LEU A 403 22.39 -11.36 4.77
N ARG A 404 23.41 -11.77 4.02
CA ARG A 404 23.33 -11.90 2.55
C ARG A 404 22.20 -12.87 2.18
N ARG A 405 22.07 -13.95 2.93
CA ARG A 405 21.07 -15.03 2.65
C ARG A 405 19.66 -14.54 2.95
N LEU A 406 19.47 -13.74 4.00
CA LEU A 406 18.15 -13.12 4.32
C LEU A 406 17.78 -12.15 3.21
N ASP A 407 18.68 -11.20 2.92
CA ASP A 407 18.52 -10.24 1.79
C ASP A 407 17.92 -10.99 0.60
N ALA A 408 18.62 -12.01 0.10
CA ALA A 408 18.32 -12.70 -1.17
C ALA A 408 16.95 -13.40 -1.08
N ALA A 409 16.69 -14.07 0.06
CA ALA A 409 15.47 -14.87 0.31
C ALA A 409 14.23 -13.97 0.34
N PHE A 410 14.27 -12.89 1.11
CA PHE A 410 13.11 -11.98 1.36
C PHE A 410 12.84 -11.10 0.13
N ALA A 411 13.86 -10.80 -0.68
CA ALA A 411 13.73 -10.06 -1.95
C ALA A 411 12.55 -10.62 -2.76
N SER A 412 11.78 -9.74 -3.41
CA SER A 412 10.58 -10.07 -4.22
C SER A 412 10.91 -10.00 -5.72
N ASP A 413 10.70 -11.11 -6.42
CA ASP A 413 10.88 -11.23 -7.90
C ASP A 413 10.10 -10.09 -8.57
N VAL A 414 8.78 -10.06 -8.39
CA VAL A 414 7.87 -8.97 -8.84
C VAL A 414 8.05 -7.81 -7.87
N PRO A 415 8.43 -6.59 -8.33
CA PRO A 415 8.58 -5.43 -7.45
C PRO A 415 7.30 -5.03 -6.70
N VAL A 416 7.43 -4.69 -5.42
CA VAL A 416 6.28 -4.34 -4.54
C VAL A 416 5.74 -2.96 -4.96
N GLN A 417 4.40 -2.86 -5.11
CA GLN A 417 3.66 -1.63 -5.46
C GLN A 417 2.63 -1.33 -4.36
N THR A 418 2.06 -0.13 -4.36
CA THR A 418 1.04 0.31 -3.38
C THR A 418 -0.29 0.35 -4.11
N ALA A 419 -1.35 -0.22 -3.53
CA ALA A 419 -2.62 -0.46 -4.27
C ALA A 419 -3.44 0.81 -4.25
N PHE A 420 -4.04 1.11 -3.11
CA PHE A 420 -4.85 2.33 -2.88
C PHE A 420 -4.77 2.65 -1.40
N GLU A 421 -4.88 3.94 -1.09
CA GLU A 421 -4.86 4.48 0.28
C GLU A 421 -6.19 4.12 0.95
N PHE A 422 -6.13 3.75 2.22
CA PHE A 422 -7.33 3.50 3.06
C PHE A 422 -7.06 4.09 4.45
#